data_4UTZ
#
_entry.id   4UTZ
#
_cell.length_a   87.320
_cell.length_b   87.320
_cell.length_c   314.570
_cell.angle_alpha   90.00
_cell.angle_beta   90.00
_cell.angle_gamma   120.00
#
_symmetry.space_group_name_H-M   'P 65 2 2'
#
loop_
_entity.id
_entity.type
_entity.pdbx_description
1 polymer 'SIRTUIN 5'
2 polymer 'CARBAMOYLPHOSPHATE SYNTHETASE I'
3 non-polymer 'ZINC ION'
4 non-polymer '4-(2-HYDROXYETHYL)-1-PIPERAZINE ETHANESULFONIC ACID'
5 non-polymer 'DIMETHYL SULFOXIDE'
6 non-polymer 'SODIUM ION'
7 non-polymer 1,2-ETHANEDIOL
8 non-polymer 'hexanedioic acid'
9 water water
#
loop_
_entity_poly.entity_id
_entity_poly.type
_entity_poly.pdbx_seq_one_letter_code
_entity_poly.pdbx_strand_id
1 'polypeptide(L)'
;GIDPFTTRPSSDLTAFREHFAKAKHIAIITGAGVSAESGVPTFRGPGGFWRKWQAQDLATPEAFSRDPSLVWEFYHYRRE
VMRSKMPNPAHLAIAECEARLGQQGRSVVIITQNIDELHHRAGSKHVYEIHGSLFKTRCMSCGEVKANHKSPICPALDGK
GAPDPNTKEARIPVELLPRCERKSCNGLLRPHVVWFGETLDSDILTAVERELEKCDLCLVVGTSSIVYPAAMFAPQVASR
GVPVAEFNMECTPATQRFKYHFEGPCGSTLPPALE
;
A,B
2 'polypeptide(L)' (BEZ)GVLKEYGV D
#
loop_
_chem_comp.id
_chem_comp.type
_chem_comp.name
_chem_comp.formula
0L1 non-polymer 'hexanedioic acid' 'C6 H10 O4'
BEZ non-polymer 'BENZOIC ACID' 'C7 H6 O2'
DMS non-polymer 'DIMETHYL SULFOXIDE' 'C2 H6 O S'
EDO non-polymer 1,2-ETHANEDIOL 'C2 H6 O2'
EPE non-polymer '4-(2-HYDROXYETHYL)-1-PIPERAZINE ETHANESULFONIC ACID' 'C8 H18 N2 O4 S'
NA non-polymer 'SODIUM ION' 'Na 1'
ZN non-polymer 'ZINC ION' 'Zn 2'
#
# COMPACT_ATOMS: atom_id res chain seq x y z
N ASP A 12 -0.05 27.04 -0.48
CA ASP A 12 1.34 27.11 0.06
C ASP A 12 1.64 25.93 0.99
N LEU A 13 2.44 25.02 0.45
CA LEU A 13 2.78 23.78 1.14
C LEU A 13 3.49 24.05 2.47
N THR A 14 4.38 25.04 2.47
CA THR A 14 5.11 25.36 3.72
C THR A 14 4.16 25.85 4.79
N ALA A 15 3.18 26.67 4.43
CA ALA A 15 2.23 27.15 5.43
C ALA A 15 1.39 25.98 5.94
N PHE A 16 0.99 25.08 5.05
CA PHE A 16 0.25 23.90 5.49
C PHE A 16 1.12 23.09 6.47
N ARG A 17 2.37 22.89 6.09
CA ARG A 17 3.24 22.05 6.93
C ARG A 17 3.51 22.66 8.29
N GLU A 18 3.47 23.99 8.40
CA GLU A 18 3.55 24.62 9.73
C GLU A 18 2.38 24.19 10.62
N HIS A 19 1.17 24.12 10.06
CA HIS A 19 0.03 23.60 10.84
C HIS A 19 0.18 22.13 11.11
N PHE A 20 0.60 21.38 10.08
CA PHE A 20 0.80 19.96 10.26
C PHE A 20 1.76 19.60 11.41
N ALA A 21 2.87 20.33 11.50
CA ALA A 21 3.89 20.07 12.53
C ALA A 21 3.32 20.16 13.94
N LYS A 22 2.29 20.99 14.13
CA LYS A 22 1.75 21.33 15.45
C LYS A 22 0.49 20.55 15.78
N ALA A 23 -0.15 20.02 14.74
CA ALA A 23 -1.49 19.45 14.94
C ALA A 23 -1.47 18.21 15.83
N LYS A 24 -2.31 18.21 16.86
CA LYS A 24 -2.41 17.09 17.80
C LYS A 24 -3.52 16.09 17.43
N HIS A 25 -4.46 16.49 16.59
CA HIS A 25 -5.63 15.67 16.24
C HIS A 25 -6.08 15.98 14.81
N ILE A 26 -5.78 15.09 13.88
CA ILE A 26 -6.02 15.33 12.46
C ILE A 26 -7.18 14.46 12.04
N ALA A 27 -8.17 15.05 11.38
CA ALA A 27 -9.26 14.30 10.80
C ALA A 27 -9.07 14.30 9.31
N ILE A 28 -9.06 13.12 8.70
CA ILE A 28 -8.91 13.03 7.26
C ILE A 28 -10.17 12.43 6.68
N ILE A 29 -10.88 13.19 5.85
CA ILE A 29 -12.10 12.72 5.16
C ILE A 29 -11.70 12.31 3.76
N THR A 30 -12.13 11.13 3.33
CA THR A 30 -11.79 10.64 1.98
C THR A 30 -13.05 10.32 1.16
N GLY A 31 -13.02 10.70 -0.15
CA GLY A 31 -14.07 10.38 -1.08
C GLY A 31 -13.57 9.53 -2.22
N ALA A 32 -14.38 9.47 -3.26
CA ALA A 32 -14.15 8.50 -4.29
C ALA A 32 -12.87 8.73 -5.07
N GLY A 33 -12.32 9.94 -5.05
CA GLY A 33 -11.05 10.14 -5.73
C GLY A 33 -9.90 9.27 -5.26
N VAL A 34 -9.93 8.94 -3.97
CA VAL A 34 -8.79 8.14 -3.48
C VAL A 34 -8.92 6.68 -3.89
N SER A 35 -10.13 6.30 -4.28
CA SER A 35 -10.41 4.89 -4.66
C SER A 35 -10.39 4.74 -6.18
N ALA A 36 -10.76 5.82 -6.86
CA ALA A 36 -10.63 5.81 -8.34
C ALA A 36 -9.17 5.64 -8.75
N GLU A 37 -8.26 6.26 -8.01
CA GLU A 37 -6.83 6.19 -8.27
C GLU A 37 -6.18 4.84 -7.92
N SER A 38 -6.94 3.95 -7.29
CA SER A 38 -6.45 2.59 -7.10
C SER A 38 -6.98 1.70 -8.21
N GLY A 39 -7.64 2.27 -9.21
CA GLY A 39 -8.14 1.46 -10.33
C GLY A 39 -9.54 0.88 -10.09
N VAL A 40 -10.31 1.51 -9.21
CA VAL A 40 -11.52 0.95 -8.63
C VAL A 40 -12.68 1.75 -9.19
N PRO A 41 -13.51 1.09 -9.98
CA PRO A 41 -14.63 1.81 -10.56
C PRO A 41 -15.62 2.28 -9.51
N THR A 42 -16.24 3.43 -9.76
CA THR A 42 -17.31 3.87 -8.90
C THR A 42 -18.59 3.42 -9.52
N PHE A 43 -18.72 3.44 -10.83
CA PHE A 43 -20.02 3.23 -11.49
C PHE A 43 -20.98 4.45 -11.52
N ARG A 44 -20.41 5.62 -11.27
CA ARG A 44 -21.15 6.83 -11.32
C ARG A 44 -20.55 7.69 -12.41
N GLY A 45 -21.38 8.17 -13.33
CA GLY A 45 -20.89 9.03 -14.37
C GLY A 45 -20.40 8.31 -15.63
N PRO A 46 -19.39 8.92 -16.24
CA PRO A 46 -19.01 8.53 -17.59
C PRO A 46 -18.39 7.13 -17.62
N GLY A 47 -19.00 6.21 -18.37
CA GLY A 47 -18.54 4.82 -18.45
C GLY A 47 -18.77 4.01 -17.19
N GLY A 48 -19.56 4.54 -16.25
CA GLY A 48 -19.74 3.92 -14.95
C GLY A 48 -20.97 3.04 -15.06
N PHE A 49 -20.96 2.22 -16.10
CA PHE A 49 -21.97 1.19 -16.29
C PHE A 49 -21.48 -0.21 -15.92
N TRP A 50 -22.41 -0.97 -15.38
CA TRP A 50 -22.19 -2.41 -15.16
C TRP A 50 -23.37 -3.09 -15.84
N ARG A 51 -23.14 -3.92 -16.86
CA ARG A 51 -24.21 -4.33 -17.76
C ARG A 51 -24.98 -3.06 -18.15
N LYS A 52 -26.30 -3.04 -18.11
CA LYS A 52 -26.99 -1.81 -18.56
C LYS A 52 -27.07 -0.71 -17.49
N TRP A 53 -26.71 -1.02 -16.26
CA TRP A 53 -27.10 -0.20 -15.13
C TRP A 53 -25.98 0.61 -14.55
N GLN A 54 -26.37 1.64 -13.82
CA GLN A 54 -25.44 2.44 -13.08
C GLN A 54 -25.73 2.22 -11.65
N ALA A 55 -24.76 2.61 -10.85
CA ALA A 55 -24.83 2.44 -9.41
C ALA A 55 -26.18 2.85 -8.82
N GLN A 56 -26.67 4.01 -9.25
CA GLN A 56 -27.93 4.57 -8.75
C GLN A 56 -29.06 3.55 -8.86
N ASP A 57 -29.09 2.78 -9.93
CA ASP A 57 -30.20 1.88 -10.20
C ASP A 57 -30.15 0.63 -9.33
N LEU A 58 -28.98 0.35 -8.78
CA LEU A 58 -28.82 -0.94 -8.13
C LEU A 58 -28.70 -0.82 -6.63
N ALA A 59 -28.11 0.27 -6.18
CA ALA A 59 -27.78 0.41 -4.74
C ALA A 59 -28.97 1.02 -4.01
N THR A 60 -30.09 0.30 -4.03
CA THR A 60 -31.31 0.69 -3.34
C THR A 60 -32.04 -0.54 -2.81
N PRO A 61 -32.81 -0.36 -1.74
CA PRO A 61 -33.60 -1.46 -1.21
C PRO A 61 -34.71 -1.95 -2.19
N GLU A 62 -35.15 -1.09 -3.10
CA GLU A 62 -36.14 -1.49 -4.11
C GLU A 62 -35.53 -2.46 -5.12
N ALA A 63 -34.28 -2.20 -5.52
CA ALA A 63 -33.62 -3.16 -6.42
C ALA A 63 -33.45 -4.50 -5.68
N PHE A 64 -33.01 -4.44 -4.42
CA PHE A 64 -32.77 -5.68 -3.68
C PHE A 64 -34.06 -6.46 -3.42
N SER A 65 -35.15 -5.75 -3.17
CA SER A 65 -36.41 -6.40 -2.90
C SER A 65 -36.90 -7.11 -4.15
N ARG A 66 -36.71 -6.49 -5.32
CA ARG A 66 -37.32 -6.96 -6.57
C ARG A 66 -36.41 -7.85 -7.39
N ASP A 67 -35.11 -7.78 -7.14
CA ASP A 67 -34.19 -8.64 -7.87
C ASP A 67 -32.91 -8.83 -7.06
N PRO A 68 -33.02 -9.55 -5.94
CA PRO A 68 -31.85 -9.67 -5.08
C PRO A 68 -30.69 -10.40 -5.78
N SER A 69 -30.98 -11.35 -6.67
CA SER A 69 -29.91 -12.05 -7.36
C SER A 69 -29.09 -11.08 -8.22
N LEU A 70 -29.78 -10.16 -8.90
CA LEU A 70 -29.08 -9.19 -9.76
C LEU A 70 -28.18 -8.28 -8.92
N VAL A 71 -28.69 -7.81 -7.78
CA VAL A 71 -27.96 -6.89 -6.92
C VAL A 71 -26.76 -7.66 -6.31
N TRP A 72 -26.96 -8.92 -5.94
CA TRP A 72 -25.83 -9.71 -5.43
C TRP A 72 -24.76 -9.98 -6.51
N GLU A 73 -25.18 -10.20 -7.76
CA GLU A 73 -24.21 -10.37 -8.85
C GLU A 73 -23.32 -9.13 -8.98
N PHE A 74 -23.93 -7.96 -8.86
CA PHE A 74 -23.24 -6.67 -8.94
C PHE A 74 -22.24 -6.52 -7.77
N TYR A 75 -22.69 -6.78 -6.55
CA TYR A 75 -21.78 -6.69 -5.40
C TYR A 75 -20.68 -7.77 -5.45
N HIS A 76 -21.02 -8.95 -5.96
CA HIS A 76 -20.02 -10.01 -6.08
C HIS A 76 -18.94 -9.61 -7.06
N TYR A 77 -19.35 -9.09 -8.21
CA TYR A 77 -18.41 -8.53 -9.19
C TYR A 77 -17.48 -7.55 -8.50
N ARG A 78 -18.02 -6.59 -7.78
CA ARG A 78 -17.19 -5.57 -7.12
C ARG A 78 -16.23 -6.17 -6.08
N ARG A 79 -16.72 -7.08 -5.24
CA ARG A 79 -15.83 -7.77 -4.31
C ARG A 79 -14.69 -8.47 -5.04
N GLU A 80 -15.01 -9.16 -6.12
CA GLU A 80 -14.02 -9.94 -6.82
C GLU A 80 -12.99 -9.07 -7.51
N VAL A 81 -13.43 -7.95 -8.07
CA VAL A 81 -12.51 -6.97 -8.70
C VAL A 81 -11.56 -6.41 -7.69
N MET A 82 -11.94 -6.22 -6.42
CA MET A 82 -11.02 -5.67 -5.41
C MET A 82 -9.77 -6.49 -5.13
N ARG A 83 -9.85 -7.78 -5.36
CA ARG A 83 -8.66 -8.62 -5.22
C ARG A 83 -7.47 -8.09 -6.03
N SER A 84 -7.70 -7.55 -7.22
CA SER A 84 -6.57 -7.08 -8.09
C SER A 84 -6.24 -5.58 -7.86
N LYS A 85 -7.17 -4.89 -7.25
CA LYS A 85 -6.90 -3.46 -6.97
C LYS A 85 -6.13 -3.33 -5.67
N MET A 86 -5.17 -2.41 -5.61
CA MET A 86 -4.29 -2.27 -4.42
C MET A 86 -4.35 -0.87 -3.88
N PRO A 87 -4.10 -0.72 -2.57
CA PRO A 87 -3.96 0.63 -2.02
C PRO A 87 -2.86 1.40 -2.72
N ASN A 88 -3.08 2.71 -2.83
CA ASN A 88 -2.20 3.59 -3.56
C ASN A 88 -1.37 4.40 -2.58
N PRO A 89 -0.44 5.19 -3.12
CA PRO A 89 0.44 5.96 -2.25
C PRO A 89 -0.27 6.91 -1.31
N ALA A 90 -1.43 7.46 -1.71
CA ALA A 90 -2.21 8.27 -0.82
C ALA A 90 -2.74 7.47 0.39
N HIS A 91 -3.32 6.31 0.13
CA HIS A 91 -3.79 5.46 1.23
C HIS A 91 -2.63 5.12 2.16
N LEU A 92 -1.50 4.77 1.56
CA LEU A 92 -0.37 4.36 2.38
C LEU A 92 0.18 5.51 3.23
N ALA A 93 0.30 6.69 2.63
CA ALA A 93 0.80 7.86 3.38
C ALA A 93 -0.09 8.12 4.58
N ILE A 94 -1.39 8.02 4.36
CA ILE A 94 -2.39 8.19 5.45
C ILE A 94 -2.22 7.21 6.56
N ALA A 95 -2.04 5.94 6.21
CA ALA A 95 -1.80 4.91 7.21
C ALA A 95 -0.47 5.08 7.95
N GLU A 96 0.59 5.39 7.21
CA GLU A 96 1.88 5.49 7.90
C GLU A 96 1.96 6.76 8.75
N CYS A 97 1.31 7.81 8.29
CA CYS A 97 1.19 9.04 9.09
C CYS A 97 0.51 8.73 10.42
N GLU A 98 -0.62 8.04 10.38
CA GLU A 98 -1.34 7.64 11.60
C GLU A 98 -0.39 6.87 12.52
N ALA A 99 0.36 5.91 11.96
CA ALA A 99 1.24 5.09 12.82
C ALA A 99 2.31 5.94 13.48
N ARG A 100 2.96 6.76 12.67
CA ARG A 100 4.07 7.60 13.16
C ARG A 100 3.58 8.60 14.22
N LEU A 101 2.48 9.28 13.93
CA LEU A 101 1.96 10.28 14.87
C LEU A 101 1.44 9.61 16.13
N GLY A 102 0.85 8.43 16.00
CA GLY A 102 0.31 7.70 17.17
C GLY A 102 1.36 7.38 18.21
N GLN A 103 2.56 7.06 17.74
CA GLN A 103 3.72 6.85 18.58
C GLN A 103 4.12 8.06 19.39
N GLN A 104 3.79 9.25 18.87
CA GLN A 104 4.05 10.53 19.53
C GLN A 104 2.85 11.02 20.33
N GLY A 105 1.83 10.18 20.49
CA GLY A 105 0.61 10.59 21.19
C GLY A 105 -0.29 11.54 20.41
N ARG A 106 -0.13 11.60 19.09
CA ARG A 106 -0.91 12.52 18.27
C ARG A 106 -1.89 11.69 17.46
N SER A 107 -3.11 12.20 17.33
CA SER A 107 -4.23 11.39 16.88
C SER A 107 -4.53 11.65 15.41
N VAL A 108 -4.73 10.59 14.64
CA VAL A 108 -5.20 10.70 13.25
C VAL A 108 -6.40 9.80 13.07
N VAL A 109 -7.48 10.31 12.48
CA VAL A 109 -8.66 9.48 12.21
C VAL A 109 -9.09 9.70 10.78
N ILE A 110 -9.53 8.61 10.16
CA ILE A 110 -10.00 8.64 8.79
C ILE A 110 -11.52 8.46 8.76
N ILE A 111 -12.20 9.36 8.08
CA ILE A 111 -13.65 9.32 7.90
C ILE A 111 -13.86 9.12 6.40
N THR A 112 -14.23 7.93 5.99
CA THR A 112 -14.28 7.65 4.55
C THR A 112 -15.66 7.38 3.99
N GLN A 113 -15.95 7.98 2.83
CA GLN A 113 -17.17 7.62 2.06
C GLN A 113 -17.04 6.24 1.37
N ASN A 114 -15.81 5.73 1.25
CA ASN A 114 -15.56 4.57 0.41
C ASN A 114 -15.84 3.28 1.14
N ILE A 115 -16.35 2.31 0.39
CA ILE A 115 -16.73 0.99 0.93
C ILE A 115 -15.72 -0.10 0.57
N ASP A 116 -14.60 0.29 -0.06
CA ASP A 116 -13.66 -0.72 -0.64
C ASP A 116 -12.70 -1.36 0.35
N GLU A 117 -12.67 -0.89 1.60
CA GLU A 117 -11.74 -1.38 2.64
C GLU A 117 -10.25 -1.14 2.31
N LEU A 118 -9.95 -0.37 1.27
CA LEU A 118 -8.54 -0.10 0.91
C LEU A 118 -7.76 0.62 1.99
N HIS A 119 -8.45 1.44 2.76
CA HIS A 119 -7.79 2.10 3.90
C HIS A 119 -7.32 1.06 4.88
N HIS A 120 -8.15 0.04 5.12
CA HIS A 120 -7.75 -1.06 6.04
C HIS A 120 -6.57 -1.83 5.50
N ARG A 121 -6.62 -2.14 4.21
CA ARG A 121 -5.54 -2.88 3.58
C ARG A 121 -4.23 -2.09 3.63
N ALA A 122 -4.35 -0.76 3.58
CA ALA A 122 -3.18 0.13 3.65
C ALA A 122 -2.52 0.17 5.03
N GLY A 123 -3.28 -0.19 6.06
CA GLY A 123 -2.80 -0.16 7.46
C GLY A 123 -3.47 0.83 8.41
N SER A 124 -4.47 1.56 7.94
CA SER A 124 -5.12 2.54 8.79
C SER A 124 -5.95 1.78 9.82
N LYS A 125 -5.85 2.21 11.08
CA LYS A 125 -6.61 1.58 12.16
C LYS A 125 -7.85 2.38 12.52
N HIS A 126 -7.67 3.69 12.71
CA HIS A 126 -8.79 4.50 13.24
C HIS A 126 -9.59 4.98 12.04
N VAL A 127 -10.54 4.15 11.62
CA VAL A 127 -11.31 4.38 10.41
C VAL A 127 -12.81 4.32 10.71
N TYR A 128 -13.53 5.32 10.22
CA TYR A 128 -14.99 5.35 10.25
C TYR A 128 -15.47 5.18 8.82
N GLU A 129 -16.03 4.02 8.50
CA GLU A 129 -16.59 3.75 7.18
C GLU A 129 -18.06 4.17 7.17
N ILE A 130 -18.31 5.40 6.77
CA ILE A 130 -19.65 5.98 6.95
C ILE A 130 -20.67 5.41 5.96
N HIS A 131 -20.20 4.73 4.91
CA HIS A 131 -21.12 4.10 3.96
C HIS A 131 -21.11 2.59 4.03
N GLY A 132 -20.46 2.05 5.05
CA GLY A 132 -20.34 0.61 5.19
C GLY A 132 -19.15 0.02 4.47
N SER A 133 -19.27 -1.26 4.15
CA SER A 133 -18.15 -1.98 3.54
C SER A 133 -18.64 -3.06 2.60
N LEU A 134 -17.97 -3.20 1.45
CA LEU A 134 -18.24 -4.29 0.49
C LEU A 134 -18.00 -5.66 1.11
N PHE A 135 -17.18 -5.67 2.16
CA PHE A 135 -16.73 -6.90 2.81
C PHE A 135 -17.29 -7.07 4.21
N LYS A 136 -18.50 -6.56 4.37
CA LYS A 136 -19.35 -6.95 5.48
C LYS A 136 -20.74 -7.27 4.97
N THR A 137 -21.39 -8.18 5.67
CA THR A 137 -22.78 -8.50 5.39
C THR A 137 -23.65 -8.07 6.57
N ARG A 138 -24.93 -7.85 6.30
CA ARG A 138 -25.92 -7.65 7.35
C ARG A 138 -27.09 -8.62 7.10
N CYS A 139 -27.53 -9.32 8.14
CA CYS A 139 -28.66 -10.22 7.97
C CYS A 139 -29.98 -9.47 7.96
N MET A 140 -30.76 -9.70 6.91
CA MET A 140 -32.08 -9.08 6.76
C MET A 140 -33.12 -9.57 7.77
N SER A 141 -32.81 -10.70 8.40
CA SER A 141 -33.63 -11.30 9.47
C SER A 141 -33.27 -10.91 10.90
N CYS A 142 -32.04 -11.23 11.35
CA CYS A 142 -31.63 -10.98 12.74
C CYS A 142 -30.78 -9.75 12.89
N GLY A 143 -30.37 -9.11 11.79
CA GLY A 143 -29.61 -7.84 11.85
C GLY A 143 -28.12 -7.93 12.10
N GLU A 144 -27.59 -9.15 12.24
CA GLU A 144 -26.19 -9.30 12.61
C GLU A 144 -25.27 -8.84 11.49
N VAL A 145 -24.21 -8.14 11.85
CA VAL A 145 -23.21 -7.66 10.90
C VAL A 145 -21.98 -8.51 11.06
N LYS A 146 -21.42 -9.00 9.96
CA LYS A 146 -20.27 -9.89 10.01
C LYS A 146 -19.32 -9.56 8.87
N ALA A 147 -18.02 -9.55 9.17
CA ALA A 147 -17.01 -9.35 8.14
C ALA A 147 -16.96 -10.55 7.24
N ASN A 148 -16.79 -10.32 5.94
CA ASN A 148 -16.76 -11.43 5.00
C ASN A 148 -15.95 -11.09 3.76
N HIS A 149 -14.85 -11.81 3.59
CA HIS A 149 -13.96 -11.63 2.44
C HIS A 149 -13.93 -12.89 1.60
N LYS A 150 -14.89 -13.77 1.79
CA LYS A 150 -14.90 -15.06 1.12
C LYS A 150 -14.98 -14.93 -0.40
N SER A 151 -14.15 -15.66 -1.16
CA SER A 151 -14.17 -15.61 -2.62
C SER A 151 -14.44 -17.01 -3.15
N PRO A 152 -15.61 -17.31 -3.75
CA PRO A 152 -16.78 -16.45 -3.87
C PRO A 152 -17.64 -16.50 -2.61
N ILE A 153 -18.40 -15.45 -2.37
CA ILE A 153 -19.19 -15.37 -1.12
C ILE A 153 -20.12 -16.58 -0.86
N CYS A 154 -20.71 -17.12 -1.91
CA CYS A 154 -21.41 -18.39 -1.80
C CYS A 154 -21.24 -19.12 -3.13
N PRO A 155 -21.40 -20.46 -3.10
CA PRO A 155 -21.15 -21.24 -4.29
C PRO A 155 -21.98 -20.84 -5.50
N ALA A 156 -23.24 -20.45 -5.29
CA ALA A 156 -24.11 -20.09 -6.40
C ALA A 156 -23.63 -18.87 -7.18
N LEU A 157 -22.84 -18.03 -6.53
CA LEU A 157 -22.31 -16.84 -7.17
C LEU A 157 -20.96 -17.08 -7.87
N ASP A 158 -20.43 -18.29 -7.78
CA ASP A 158 -19.09 -18.55 -8.26
C ASP A 158 -18.97 -18.31 -9.76
N GLY A 159 -18.06 -17.43 -10.17
CA GLY A 159 -17.92 -17.12 -11.59
C GLY A 159 -19.00 -16.24 -12.23
N LYS A 160 -19.90 -15.71 -11.39
CA LYS A 160 -20.99 -14.84 -11.87
C LYS A 160 -20.62 -13.36 -11.75
N GLY A 161 -21.57 -12.50 -12.15
CA GLY A 161 -21.38 -11.05 -12.09
C GLY A 161 -20.69 -10.39 -13.28
N ALA A 162 -20.57 -11.08 -14.41
CA ALA A 162 -19.85 -10.49 -15.53
C ALA A 162 -20.46 -9.14 -15.93
N PRO A 163 -19.62 -8.15 -16.21
CA PRO A 163 -20.06 -6.77 -16.39
C PRO A 163 -20.47 -6.39 -17.81
N ASP A 164 -20.18 -7.24 -18.78
CA ASP A 164 -20.63 -6.98 -20.14
C ASP A 164 -22.16 -6.94 -20.29
N PRO A 165 -22.68 -5.92 -20.98
CA PRO A 165 -24.12 -5.73 -20.95
C PRO A 165 -24.95 -6.88 -21.45
N ASN A 166 -24.43 -7.77 -22.30
CA ASN A 166 -25.19 -8.90 -22.84
C ASN A 166 -25.03 -10.20 -22.05
N THR A 167 -24.42 -10.13 -20.88
CA THR A 167 -24.39 -11.24 -19.98
C THR A 167 -25.79 -11.57 -19.53
N LYS A 168 -26.14 -12.85 -19.56
CA LYS A 168 -27.42 -13.30 -19.01
C LYS A 168 -27.42 -13.31 -17.49
N GLU A 169 -28.60 -13.03 -16.94
CA GLU A 169 -28.74 -12.99 -15.52
C GLU A 169 -28.62 -14.39 -14.92
N ALA A 170 -27.98 -14.49 -13.75
CA ALA A 170 -27.82 -15.75 -13.03
C ALA A 170 -29.17 -16.24 -12.51
N ARG A 171 -30.04 -15.31 -12.13
CA ARG A 171 -31.38 -15.64 -11.56
C ARG A 171 -31.31 -16.69 -10.46
N ILE A 172 -30.45 -16.42 -9.48
CA ILE A 172 -30.17 -17.36 -8.41
C ILE A 172 -31.31 -17.36 -7.41
N PRO A 173 -31.87 -18.54 -7.08
CA PRO A 173 -32.96 -18.56 -6.13
C PRO A 173 -32.51 -17.95 -4.82
N VAL A 174 -33.41 -17.23 -4.15
CA VAL A 174 -33.03 -16.52 -2.95
C VAL A 174 -32.43 -17.44 -1.86
N GLU A 175 -32.86 -18.69 -1.84
CA GLU A 175 -32.39 -19.64 -0.87
C GLU A 175 -30.90 -19.90 -1.01
N LEU A 176 -30.38 -19.66 -2.23
CA LEU A 176 -28.99 -19.97 -2.55
C LEU A 176 -28.07 -18.75 -2.57
N LEU A 177 -28.63 -17.58 -2.30
CA LEU A 177 -27.82 -16.40 -2.12
C LEU A 177 -27.19 -16.46 -0.71
N PRO A 178 -26.30 -15.52 -0.38
CA PRO A 178 -25.61 -15.63 0.91
C PRO A 178 -26.60 -15.61 2.04
N ARG A 179 -26.44 -16.59 2.93
CA ARG A 179 -27.32 -16.76 4.06
C ARG A 179 -26.63 -16.61 5.41
N CYS A 180 -27.44 -16.25 6.40
CA CYS A 180 -27.00 -16.18 7.80
C CYS A 180 -26.68 -17.57 8.37
N GLU A 181 -25.56 -17.64 9.08
CA GLU A 181 -24.97 -18.90 9.42
C GLU A 181 -25.24 -19.33 10.85
N ARG A 182 -25.96 -18.50 11.60
CA ARG A 182 -26.46 -18.89 12.93
C ARG A 182 -27.71 -19.72 12.65
N LYS A 183 -27.56 -21.05 12.68
CA LYS A 183 -28.33 -21.91 11.72
C LYS A 183 -29.81 -21.76 11.95
N SER A 184 -30.22 -21.54 13.19
CA SER A 184 -31.65 -21.32 13.49
C SER A 184 -32.25 -20.08 12.79
N CYS A 185 -31.43 -19.08 12.47
CA CYS A 185 -31.90 -17.88 11.73
C CYS A 185 -31.99 -18.24 10.25
N ASN A 186 -30.82 -18.42 9.63
CA ASN A 186 -30.69 -18.61 8.15
C ASN A 186 -31.16 -17.51 7.19
N GLY A 187 -31.27 -16.28 7.69
CA GLY A 187 -31.81 -15.16 6.93
C GLY A 187 -31.00 -14.78 5.70
N LEU A 188 -31.65 -14.12 4.74
CA LEU A 188 -30.92 -13.61 3.57
C LEU A 188 -29.98 -12.48 3.96
N LEU A 189 -28.73 -12.59 3.57
CA LEU A 189 -27.77 -11.51 3.85
C LEU A 189 -27.82 -10.47 2.76
N ARG A 190 -27.57 -9.23 3.16
CA ARG A 190 -27.35 -8.15 2.20
C ARG A 190 -25.97 -7.54 2.43
N PRO A 191 -25.43 -6.81 1.45
CA PRO A 191 -24.20 -6.06 1.76
C PRO A 191 -24.45 -5.05 2.88
N HIS A 192 -23.51 -4.90 3.83
CA HIS A 192 -23.64 -3.92 4.89
C HIS A 192 -23.09 -2.61 4.38
N VAL A 193 -23.83 -2.03 3.44
CA VAL A 193 -23.51 -0.79 2.76
C VAL A 193 -24.72 0.10 2.90
N VAL A 194 -24.48 1.40 3.02
CA VAL A 194 -25.58 2.35 2.97
C VAL A 194 -26.00 2.54 1.52
N TRP A 195 -27.28 2.29 1.26
CA TRP A 195 -27.81 2.47 -0.07
C TRP A 195 -28.54 3.83 -0.21
N PHE A 196 -28.73 4.19 -1.49
CA PHE A 196 -29.45 5.43 -1.83
C PHE A 196 -30.85 5.35 -1.23
N GLY A 197 -31.23 6.39 -0.50
CA GLY A 197 -32.45 6.39 0.29
C GLY A 197 -32.38 5.85 1.70
N GLU A 198 -31.19 5.50 2.19
CA GLU A 198 -31.06 4.97 3.56
C GLU A 198 -30.28 5.95 4.46
N THR A 199 -30.52 5.89 5.78
CA THR A 199 -29.89 6.83 6.70
C THR A 199 -28.56 6.30 7.16
N LEU A 200 -27.61 7.20 7.31
CA LEU A 200 -26.32 6.88 7.90
C LEU A 200 -26.51 6.46 9.36
N ASP A 201 -25.59 5.68 9.91
CA ASP A 201 -25.76 5.14 11.26
C ASP A 201 -25.65 6.29 12.26
N SER A 202 -26.65 6.49 13.13
CA SER A 202 -26.52 7.56 14.14
C SER A 202 -25.37 7.48 15.10
N ASP A 203 -25.01 6.26 15.52
CA ASP A 203 -23.92 6.02 16.45
C ASP A 203 -22.62 6.43 15.77
N ILE A 204 -22.51 6.12 14.48
CA ILE A 204 -21.28 6.46 13.77
C ILE A 204 -21.15 7.98 13.67
N LEU A 205 -22.25 8.63 13.31
CA LEU A 205 -22.26 10.07 13.22
C LEU A 205 -21.96 10.75 14.54
N THR A 206 -22.45 10.20 15.64
CA THR A 206 -22.10 10.84 16.92
C THR A 206 -20.58 10.70 17.21
N ALA A 207 -19.97 9.57 16.84
CA ALA A 207 -18.52 9.39 17.02
C ALA A 207 -17.74 10.35 16.15
N VAL A 208 -18.18 10.46 14.89
CA VAL A 208 -17.54 11.38 13.96
C VAL A 208 -17.66 12.78 14.52
N GLU A 209 -18.81 13.19 15.08
CA GLU A 209 -18.95 14.57 15.56
C GLU A 209 -17.95 14.85 16.67
N ARG A 210 -17.79 13.88 17.58
CA ARG A 210 -16.81 14.02 18.66
C ARG A 210 -15.38 14.19 18.11
N GLU A 211 -15.00 13.39 17.12
CA GLU A 211 -13.66 13.49 16.56
C GLU A 211 -13.48 14.87 15.88
N LEU A 212 -14.48 15.29 15.11
CA LEU A 212 -14.37 16.56 14.39
C LEU A 212 -14.28 17.70 15.37
N GLU A 213 -14.99 17.61 16.48
CA GLU A 213 -15.03 18.69 17.46
C GLU A 213 -13.72 18.80 18.22
N LYS A 214 -12.98 17.71 18.33
CA LYS A 214 -11.66 17.72 18.99
C LYS A 214 -10.47 18.02 18.07
N CYS A 215 -10.66 17.76 16.80
CA CYS A 215 -9.55 17.92 15.89
C CYS A 215 -9.06 19.35 15.71
N ASP A 216 -7.78 19.53 15.36
CA ASP A 216 -7.22 20.87 15.15
C ASP A 216 -6.61 21.01 13.78
N LEU A 217 -6.97 20.09 12.87
CA LEU A 217 -6.59 20.24 11.47
C LEU A 217 -7.37 19.17 10.73
N CYS A 218 -7.90 19.52 9.57
CA CYS A 218 -8.73 18.57 8.85
C CYS A 218 -8.34 18.55 7.37
N LEU A 219 -8.23 17.35 6.79
CA LEU A 219 -7.87 17.18 5.38
C LEU A 219 -9.03 16.53 4.68
N VAL A 220 -9.26 16.91 3.44
CA VAL A 220 -10.37 16.40 2.68
C VAL A 220 -9.77 15.89 1.36
N VAL A 221 -9.73 14.57 1.21
CA VAL A 221 -8.94 13.92 0.17
C VAL A 221 -9.75 13.15 -0.85
N GLY A 222 -9.60 13.46 -2.13
CA GLY A 222 -10.40 12.76 -3.18
C GLY A 222 -11.92 12.96 -3.01
N THR A 223 -12.30 14.12 -2.51
CA THR A 223 -13.61 14.68 -2.71
C THR A 223 -13.46 16.20 -2.46
N SER A 224 -14.59 16.84 -2.18
CA SER A 224 -14.63 18.28 -1.93
C SER A 224 -15.37 18.71 -0.67
N SER A 225 -14.89 19.82 -0.08
CA SER A 225 -15.54 20.38 1.11
C SER A 225 -16.98 20.75 0.85
N ILE A 226 -17.39 21.00 -0.41
CA ILE A 226 -18.68 21.56 -0.77
C ILE A 226 -19.74 20.55 -1.25
N VAL A 227 -19.26 19.39 -1.69
CA VAL A 227 -20.12 18.29 -2.05
C VAL A 227 -20.25 17.47 -0.79
N TYR A 228 -21.19 16.51 -0.83
CA TYR A 228 -21.44 15.55 0.24
C TYR A 228 -20.58 14.29 0.03
N PRO A 229 -20.18 13.59 1.10
CA PRO A 229 -20.56 13.88 2.49
C PRO A 229 -19.73 14.96 3.17
N ALA A 230 -18.66 15.38 2.51
CA ALA A 230 -17.73 16.30 3.14
C ALA A 230 -18.44 17.58 3.68
N ALA A 231 -19.43 18.07 2.93
CA ALA A 231 -20.15 19.28 3.30
C ALA A 231 -20.79 19.19 4.66
N MET A 232 -21.01 17.99 5.20
CA MET A 232 -21.59 17.87 6.59
C MET A 232 -20.62 18.26 7.71
N PHE A 233 -19.43 17.78 7.44
CA PHE A 233 -18.45 17.77 8.51
C PHE A 233 -17.72 19.07 8.50
N ALA A 234 -17.28 19.44 7.30
CA ALA A 234 -16.22 20.42 7.21
C ALA A 234 -16.65 21.78 7.70
N PRO A 235 -17.91 22.23 7.44
CA PRO A 235 -18.34 23.48 8.09
C PRO A 235 -18.18 23.55 9.58
N GLN A 236 -18.48 22.44 10.25
CA GLN A 236 -18.35 22.38 11.68
C GLN A 236 -16.89 22.65 12.11
N VAL A 237 -15.97 22.01 11.37
CA VAL A 237 -14.56 22.25 11.74
C VAL A 237 -14.10 23.67 11.39
N ALA A 238 -14.48 24.16 10.22
CA ALA A 238 -14.10 25.50 9.78
C ALA A 238 -14.62 26.55 10.74
N SER A 239 -15.83 26.36 11.27
CA SER A 239 -16.43 27.33 12.17
C SER A 239 -15.76 27.38 13.56
N ARG A 240 -14.92 26.38 13.87
CA ARG A 240 -14.06 26.42 15.08
C ARG A 240 -12.77 27.20 14.80
N GLY A 241 -12.61 27.63 13.56
CA GLY A 241 -11.43 28.35 13.07
C GLY A 241 -10.29 27.44 12.63
N VAL A 242 -10.60 26.18 12.32
CA VAL A 242 -9.57 25.17 12.12
C VAL A 242 -9.22 25.09 10.64
N PRO A 243 -7.92 25.00 10.31
CA PRO A 243 -7.63 24.93 8.89
C PRO A 243 -8.11 23.62 8.27
N VAL A 244 -8.63 23.76 7.06
CA VAL A 244 -9.07 22.62 6.24
C VAL A 244 -8.29 22.64 4.92
N ALA A 245 -7.76 21.47 4.55
CA ALA A 245 -6.91 21.36 3.38
C ALA A 245 -7.47 20.32 2.43
N GLU A 246 -7.77 20.73 1.21
CA GLU A 246 -8.33 19.82 0.22
C GLU A 246 -7.21 19.26 -0.66
N PHE A 247 -7.22 17.94 -0.87
CA PHE A 247 -6.36 17.32 -1.90
C PHE A 247 -7.24 16.67 -2.92
N ASN A 248 -7.37 17.27 -4.10
CA ASN A 248 -8.25 16.70 -5.12
C ASN A 248 -7.89 17.28 -6.46
N MET A 249 -8.38 16.62 -7.49
CA MET A 249 -8.02 16.99 -8.83
C MET A 249 -8.80 18.21 -9.27
N GLU A 250 -9.79 18.67 -8.49
CA GLU A 250 -10.72 19.72 -9.02
C GLU A 250 -10.11 21.09 -9.00
N CYS A 251 -10.37 21.91 -10.01
CA CYS A 251 -9.81 23.24 -10.02
C CYS A 251 -10.57 24.20 -9.11
N THR A 252 -9.90 25.26 -8.71
CA THR A 252 -10.55 26.42 -8.03
C THR A 252 -10.22 27.67 -8.88
N PRO A 253 -11.07 28.74 -8.85
CA PRO A 253 -10.68 29.97 -9.55
C PRO A 253 -9.41 30.61 -8.98
N ALA A 254 -8.86 31.61 -9.68
CA ALA A 254 -7.66 32.32 -9.18
C ALA A 254 -8.06 33.54 -8.30
N THR A 255 -9.23 34.07 -8.58
CA THR A 255 -9.90 34.92 -7.60
C THR A 255 -10.49 34.06 -6.44
N GLN A 256 -9.86 32.95 -6.01
CA GLN A 256 -10.03 32.49 -4.64
C GLN A 256 -9.01 33.24 -3.77
N LYS A 259 -9.51 26.11 3.05
CA LYS A 259 -8.51 27.15 3.34
C LYS A 259 -7.18 26.90 2.60
N TYR A 260 -6.83 25.62 2.39
CA TYR A 260 -5.77 25.24 1.45
C TYR A 260 -6.32 24.24 0.41
N HIS A 261 -5.76 24.32 -0.79
CA HIS A 261 -6.12 23.43 -1.87
C HIS A 261 -4.88 23.04 -2.61
N PHE A 262 -4.65 21.72 -2.67
CA PHE A 262 -3.55 21.15 -3.43
C PHE A 262 -4.13 20.36 -4.57
N GLU A 263 -4.05 20.95 -5.76
CA GLU A 263 -4.70 20.40 -6.94
C GLU A 263 -3.84 19.32 -7.57
N GLY A 264 -4.44 18.16 -7.79
CA GLY A 264 -3.79 17.05 -8.46
C GLY A 264 -4.15 15.72 -7.85
N PRO A 265 -3.59 14.63 -8.41
CA PRO A 265 -3.89 13.32 -7.85
C PRO A 265 -3.31 13.20 -6.46
N CYS A 266 -4.11 12.75 -5.51
CA CYS A 266 -3.68 12.72 -4.12
C CYS A 266 -2.55 11.71 -3.87
N GLY A 267 -2.40 10.73 -4.77
CA GLY A 267 -1.28 9.80 -4.65
C GLY A 267 0.06 10.47 -4.98
N SER A 268 0.02 11.64 -5.64
CA SER A 268 1.21 12.46 -5.81
C SER A 268 1.38 13.47 -4.69
N THR A 269 0.30 14.17 -4.35
CA THR A 269 0.41 15.33 -3.47
C THR A 269 0.57 14.92 -1.96
N LEU A 270 -0.16 13.87 -1.63
CA LEU A 270 -0.33 13.60 -0.23
C LEU A 270 0.95 13.01 0.42
N PRO A 271 1.67 12.10 -0.25
CA PRO A 271 2.87 11.61 0.41
C PRO A 271 3.85 12.76 0.69
N PRO A 272 3.95 13.73 -0.26
CA PRO A 272 4.82 14.90 0.01
C PRO A 272 4.31 15.74 1.15
N ALA A 273 3.01 16.04 1.17
CA ALA A 273 2.47 16.88 2.26
C ALA A 273 2.55 16.25 3.65
N LEU A 274 2.41 14.91 3.74
CA LEU A 274 2.33 14.24 5.01
C LEU A 274 3.63 13.61 5.49
N GLU A 275 4.73 13.80 4.75
CA GLU A 275 6.04 13.18 5.12
C GLU A 275 6.61 13.69 6.45
N SER B 10 6.35 -18.05 -22.33
CA SER B 10 4.90 -17.88 -22.58
C SER B 10 4.38 -16.63 -21.90
N SER B 11 3.38 -15.98 -22.47
CA SER B 11 2.67 -14.93 -21.72
C SER B 11 1.25 -15.35 -21.44
N ASP B 12 1.02 -16.66 -21.36
CA ASP B 12 -0.32 -17.17 -21.08
C ASP B 12 -0.63 -17.14 -19.57
N LEU B 13 -1.40 -16.12 -19.19
CA LEU B 13 -1.75 -15.89 -17.80
C LEU B 13 -2.51 -17.08 -17.21
N THR B 14 -3.42 -17.66 -18.00
CA THR B 14 -4.21 -18.79 -17.51
C THR B 14 -3.29 -20.00 -17.22
N ALA B 15 -2.29 -20.25 -18.06
CA ALA B 15 -1.40 -21.38 -17.80
C ALA B 15 -0.57 -21.09 -16.55
N PHE B 16 -0.13 -19.84 -16.38
CA PHE B 16 0.60 -19.49 -15.15
C PHE B 16 -0.30 -19.73 -13.94
N ARG B 17 -1.53 -19.27 -14.04
CA ARG B 17 -2.43 -19.37 -12.88
C ARG B 17 -2.77 -20.81 -12.53
N GLU B 18 -2.74 -21.72 -13.50
CA GLU B 18 -2.86 -23.16 -13.18
C GLU B 18 -1.74 -23.63 -12.27
N HIS B 19 -0.50 -23.19 -12.52
CA HIS B 19 0.59 -23.50 -11.59
C HIS B 19 0.43 -22.81 -10.28
N PHE B 20 0.05 -21.53 -10.33
CA PHE B 20 -0.16 -20.78 -9.11
C PHE B 20 -1.19 -21.43 -8.14
N ALA B 21 -2.29 -21.93 -8.70
CA ALA B 21 -3.36 -22.56 -7.89
C ALA B 21 -2.84 -23.74 -7.07
N LYS B 22 -1.83 -24.43 -7.57
CA LYS B 22 -1.33 -25.70 -7.01
C LYS B 22 -0.07 -25.51 -6.16
N ALA B 23 0.60 -24.38 -6.36
CA ALA B 23 1.93 -24.22 -5.76
C ALA B 23 1.84 -24.14 -4.24
N LYS B 24 2.62 -24.97 -3.53
CA LYS B 24 2.65 -24.99 -2.06
C LYS B 24 3.75 -24.11 -1.47
N HIS B 25 4.75 -23.74 -2.27
CA HIS B 25 5.92 -22.98 -1.79
C HIS B 25 6.45 -22.10 -2.91
N ILE B 26 6.17 -20.82 -2.82
CA ILE B 26 6.49 -19.88 -3.90
C ILE B 26 7.64 -19.03 -3.46
N ALA B 27 8.66 -18.92 -4.31
CA ALA B 27 9.78 -18.04 -4.04
C ALA B 27 9.67 -16.86 -4.97
N ILE B 28 9.68 -15.66 -4.41
CA ILE B 28 9.60 -14.47 -5.24
C ILE B 28 10.88 -13.68 -5.07
N ILE B 29 11.64 -13.53 -6.16
CA ILE B 29 12.88 -12.75 -6.16
C ILE B 29 12.56 -11.38 -6.73
N THR B 30 13.00 -10.33 -6.04
CA THR B 30 12.73 -8.95 -6.52
C THR B 30 14.02 -8.16 -6.71
N GLY B 31 14.06 -7.38 -7.81
CA GLY B 31 15.18 -6.51 -8.10
C GLY B 31 14.74 -5.06 -8.13
N ALA B 32 15.62 -4.25 -8.71
CA ALA B 32 15.46 -2.82 -8.56
C ALA B 32 14.22 -2.29 -9.27
N GLY B 33 13.66 -3.02 -10.25
CA GLY B 33 12.43 -2.56 -10.85
C GLY B 33 11.27 -2.35 -9.91
N VAL B 34 11.23 -3.16 -8.87
CA VAL B 34 10.09 -3.01 -7.95
C VAL B 34 10.23 -1.80 -7.06
N SER B 35 11.47 -1.33 -6.94
CA SER B 35 11.77 -0.17 -6.05
C SER B 35 11.86 1.11 -6.87
N ALA B 36 12.26 0.96 -8.13
CA ALA B 36 12.23 2.13 -9.02
C ALA B 36 10.80 2.66 -9.17
N GLU B 37 9.83 1.73 -9.24
CA GLU B 37 8.43 2.07 -9.38
C GLU B 37 7.79 2.65 -8.13
N SER B 38 8.51 2.67 -7.02
CA SER B 38 8.03 3.37 -5.84
C SER B 38 8.64 4.76 -5.78
N GLY B 39 9.37 5.17 -6.81
CA GLY B 39 9.96 6.52 -6.82
C GLY B 39 11.33 6.61 -6.16
N VAL B 40 12.05 5.50 -6.11
CA VAL B 40 13.22 5.34 -5.23
C VAL B 40 14.49 5.39 -6.07
N PRO B 41 15.29 6.41 -5.86
CA PRO B 41 16.44 6.58 -6.74
C PRO B 41 17.45 5.45 -6.63
N THR B 42 18.08 5.11 -7.74
CA THR B 42 19.10 4.11 -7.69
C THR B 42 20.38 4.85 -7.48
N PHE B 43 20.60 5.97 -8.15
CA PHE B 43 21.95 6.56 -8.22
C PHE B 43 22.95 5.92 -9.22
N ARG B 44 22.38 5.15 -10.14
CA ARG B 44 23.22 4.50 -11.13
C ARG B 44 23.39 5.17 -12.47
N GLY B 45 22.33 5.43 -13.24
CA GLY B 45 22.52 6.01 -14.58
C GLY B 45 22.95 7.48 -14.70
N PRO B 46 22.74 8.13 -15.86
CA PRO B 46 23.17 9.54 -15.99
C PRO B 46 22.48 10.48 -14.98
N GLY B 47 21.25 10.16 -14.57
CA GLY B 47 20.54 10.99 -13.59
C GLY B 47 21.03 10.78 -12.15
N GLY B 48 21.84 9.78 -11.95
CA GLY B 48 21.91 9.10 -10.65
C GLY B 48 23.12 9.62 -9.94
N PHE B 49 23.17 10.95 -9.88
CA PHE B 49 24.18 11.64 -9.08
C PHE B 49 23.64 12.13 -7.74
N TRP B 50 24.52 12.05 -6.75
CA TRP B 50 24.28 12.65 -5.44
C TRP B 50 25.47 13.57 -5.21
N ARG B 51 25.27 14.88 -5.12
CA ARG B 51 26.37 15.82 -5.22
C ARG B 51 27.20 15.41 -6.44
N LYS B 52 28.53 15.33 -6.37
CA LYS B 52 29.26 15.00 -7.59
C LYS B 52 29.32 13.49 -7.91
N TRP B 53 28.88 12.65 -6.97
CA TRP B 53 29.22 11.23 -7.00
C TRP B 53 28.09 10.37 -7.44
N GLN B 54 28.45 9.15 -7.85
CA GLN B 54 27.48 8.13 -8.14
C GLN B 54 27.67 7.03 -7.15
N ALA B 55 26.63 6.22 -7.07
CA ALA B 55 26.61 5.10 -6.12
C ALA B 55 27.92 4.36 -6.04
N GLN B 56 28.48 4.05 -7.21
CA GLN B 56 29.73 3.29 -7.33
C GLN B 56 30.84 3.84 -6.45
N ASP B 57 30.93 5.15 -6.41
CA ASP B 57 32.04 5.82 -5.74
C ASP B 57 31.87 5.76 -4.23
N LEU B 58 30.65 5.53 -3.76
CA LEU B 58 30.40 5.72 -2.35
C LEU B 58 30.17 4.41 -1.63
N ALA B 59 29.57 3.45 -2.31
CA ALA B 59 29.13 2.20 -1.66
C ALA B 59 30.24 1.18 -1.67
N THR B 60 31.35 1.54 -1.00
CA THR B 60 32.51 0.69 -0.88
C THR B 60 33.18 0.92 0.46
N PRO B 61 33.89 -0.10 0.94
CA PRO B 61 34.64 0.03 2.18
C PRO B 61 35.80 1.07 2.10
N GLU B 62 36.30 1.32 0.88
CA GLU B 62 37.36 2.31 0.68
C GLU B 62 36.81 3.73 0.88
N ALA B 63 35.59 3.98 0.40
CA ALA B 63 34.98 5.30 0.65
C ALA B 63 34.76 5.46 2.16
N PHE B 64 34.24 4.41 2.81
CA PHE B 64 33.97 4.53 4.22
C PHE B 64 35.23 4.70 5.07
N SER B 65 36.31 4.04 4.68
CA SER B 65 37.55 4.14 5.43
C SER B 65 38.11 5.53 5.31
N ARG B 66 37.99 6.14 4.13
CA ARG B 66 38.69 7.39 3.80
C ARG B 66 37.83 8.64 4.04
N ASP B 67 36.51 8.47 4.10
CA ASP B 67 35.63 9.59 4.35
C ASP B 67 34.31 9.10 4.92
N PRO B 68 34.34 8.59 6.15
CA PRO B 68 33.11 8.02 6.69
C PRO B 68 31.99 9.06 6.85
N SER B 69 32.34 10.31 7.13
CA SER B 69 31.29 11.34 7.26
C SER B 69 30.54 11.51 5.93
N LEU B 70 31.28 11.52 4.82
CA LEU B 70 30.65 11.70 3.50
C LEU B 70 29.71 10.52 3.19
N VAL B 71 30.16 9.31 3.48
CA VAL B 71 29.39 8.10 3.18
C VAL B 71 28.15 8.09 4.10
N TRP B 72 28.30 8.49 5.36
CA TRP B 72 27.13 8.57 6.24
C TRP B 72 26.13 9.65 5.79
N GLU B 73 26.61 10.78 5.28
CA GLU B 73 25.71 11.81 4.75
C GLU B 73 24.85 11.23 3.61
N PHE B 74 25.47 10.45 2.74
CA PHE B 74 24.82 9.80 1.60
C PHE B 74 23.76 8.79 2.09
N TYR B 75 24.12 7.94 3.03
CA TYR B 75 23.14 6.97 3.56
C TYR B 75 22.02 7.67 4.36
N HIS B 76 22.38 8.75 5.05
CA HIS B 76 21.35 9.49 5.80
C HIS B 76 20.34 10.10 4.83
N TYR B 77 20.84 10.72 3.77
CA TYR B 77 19.99 11.23 2.70
C TYR B 77 19.03 10.14 2.24
N ARG B 78 19.55 8.98 1.90
CA ARG B 78 18.71 7.88 1.41
C ARG B 78 17.66 7.43 2.43
N ARG B 79 18.07 7.26 3.69
CA ARG B 79 17.11 6.92 4.72
C ARG B 79 15.98 7.98 4.79
N GLU B 80 16.37 9.25 4.76
CA GLU B 80 15.42 10.31 4.93
C GLU B 80 14.45 10.42 3.75
N VAL B 81 14.95 10.20 2.54
CA VAL B 81 14.12 10.19 1.32
C VAL B 81 13.10 9.09 1.37
N MET B 82 13.38 7.92 1.98
CA MET B 82 12.40 6.83 2.05
C MET B 82 11.11 7.14 2.79
N ARG B 83 11.15 8.09 3.71
CA ARG B 83 9.91 8.54 4.38
C ARG B 83 8.84 8.95 3.37
N SER B 84 9.20 9.54 2.22
CA SER B 84 8.17 10.02 1.24
C SER B 84 7.84 8.96 0.17
N LYS B 85 8.73 8.01 0.06
CA LYS B 85 8.46 6.93 -0.94
C LYS B 85 7.57 5.86 -0.30
N MET B 86 6.63 5.30 -1.05
CA MET B 86 5.65 4.34 -0.51
C MET B 86 5.69 3.03 -1.28
N PRO B 87 5.35 1.92 -0.61
CA PRO B 87 5.19 0.65 -1.33
C PRO B 87 4.15 0.79 -2.44
N ASN B 88 4.37 0.06 -3.52
CA ASN B 88 3.54 0.14 -4.70
C ASN B 88 2.65 -1.11 -4.78
N PRO B 89 1.76 -1.13 -5.78
CA PRO B 89 0.82 -2.23 -5.87
C PRO B 89 1.46 -3.58 -6.01
N ALA B 90 2.64 -3.67 -6.63
CA ALA B 90 3.37 -4.92 -6.69
C ALA B 90 3.82 -5.39 -5.30
N HIS B 91 4.41 -4.49 -4.53
CA HIS B 91 4.82 -4.85 -3.17
C HIS B 91 3.59 -5.32 -2.36
N LEU B 92 2.49 -4.58 -2.51
CA LEU B 92 1.32 -4.92 -1.73
C LEU B 92 0.73 -6.27 -2.14
N ALA B 93 0.65 -6.54 -3.44
CA ALA B 93 0.11 -7.82 -3.90
C ALA B 93 0.93 -8.96 -3.33
N ILE B 94 2.24 -8.79 -3.33
CA ILE B 94 3.17 -9.80 -2.77
C ILE B 94 2.93 -10.06 -1.30
N ALA B 95 2.76 -9.00 -0.52
CA ALA B 95 2.45 -9.12 0.88
C ALA B 95 1.08 -9.75 1.16
N GLU B 96 0.07 -9.32 0.41
CA GLU B 96 -1.26 -9.85 0.70
C GLU B 96 -1.38 -11.31 0.23
N CYS B 97 -0.69 -11.63 -0.85
CA CYS B 97 -0.61 -13.03 -1.32
C CYS B 97 -0.01 -13.91 -0.22
N GLU B 98 1.12 -13.50 0.34
CA GLU B 98 1.75 -14.26 1.43
C GLU B 98 0.76 -14.46 2.56
N ALA B 99 0.05 -13.40 2.95
CA ALA B 99 -0.89 -13.53 4.08
C ALA B 99 -1.99 -14.52 3.78
N ARG B 100 -2.58 -14.37 2.60
CA ARG B 100 -3.72 -15.23 2.19
C ARG B 100 -3.29 -16.69 2.08
N LEU B 101 -2.17 -16.93 1.41
CA LEU B 101 -1.70 -18.31 1.24
C LEU B 101 -1.26 -18.90 2.57
N GLY B 102 -0.69 -18.11 3.45
CA GLY B 102 -0.24 -18.59 4.77
C GLY B 102 -1.39 -19.18 5.61
N GLN B 103 -2.55 -18.56 5.50
CA GLN B 103 -3.78 -19.05 6.13
C GLN B 103 -4.20 -20.42 5.63
N GLN B 104 -3.82 -20.75 4.40
CA GLN B 104 -4.09 -22.05 3.77
C GLN B 104 -2.93 -23.02 3.95
N GLY B 105 -1.94 -22.67 4.77
CA GLY B 105 -0.77 -23.52 4.96
C GLY B 105 0.20 -23.52 3.77
N ARG B 106 0.14 -22.52 2.91
CA ARG B 106 1.01 -22.47 1.72
C ARG B 106 2.03 -21.36 1.93
N SER B 107 3.26 -21.60 1.49
CA SER B 107 4.38 -20.77 1.87
C SER B 107 4.76 -19.82 0.76
N VAL B 108 5.00 -18.58 1.11
CA VAL B 108 5.56 -17.57 0.17
C VAL B 108 6.77 -16.92 0.81
N VAL B 109 7.88 -16.85 0.08
CA VAL B 109 9.06 -16.16 0.60
C VAL B 109 9.56 -15.20 -0.44
N ILE B 110 10.02 -14.04 0.04
CA ILE B 110 10.56 -13.00 -0.80
C ILE B 110 12.07 -12.92 -0.62
N ILE B 111 12.80 -12.97 -1.72
CA ILE B 111 14.27 -12.86 -1.76
C ILE B 111 14.53 -11.58 -2.51
N THR B 112 14.92 -10.53 -1.80
CA THR B 112 15.05 -9.22 -2.47
C THR B 112 16.47 -8.68 -2.55
N GLN B 113 16.82 -8.14 -3.72
CA GLN B 113 18.06 -7.34 -3.88
C GLN B 113 17.97 -5.98 -3.19
N ASN B 114 16.76 -5.51 -2.92
CA ASN B 114 16.56 -4.11 -2.51
C ASN B 114 16.80 -3.93 -1.03
N ILE B 115 17.37 -2.78 -0.70
CA ILE B 115 17.72 -2.45 0.70
C ILE B 115 16.72 -1.46 1.33
N ASP B 116 15.64 -1.16 0.60
CA ASP B 116 14.73 -0.06 1.03
C ASP B 116 13.72 -0.42 2.09
N GLU B 117 13.60 -1.70 2.48
CA GLU B 117 12.61 -2.19 3.44
C GLU B 117 11.15 -1.98 3.00
N LEU B 118 10.93 -1.60 1.74
CA LEU B 118 9.55 -1.41 1.23
C LEU B 118 8.69 -2.68 1.29
N HIS B 119 9.35 -3.82 1.14
CA HIS B 119 8.62 -5.09 1.28
C HIS B 119 8.06 -5.20 2.69
N HIS B 120 8.87 -4.81 3.69
CA HIS B 120 8.44 -4.83 5.11
C HIS B 120 7.26 -3.87 5.32
N ARG B 121 7.39 -2.66 4.77
CA ARG B 121 6.34 -1.66 4.93
C ARG B 121 5.05 -2.12 4.26
N ALA B 122 5.18 -2.92 3.21
CA ALA B 122 4.00 -3.46 2.50
C ALA B 122 3.26 -4.54 3.29
N GLY B 123 3.94 -5.17 4.24
CA GLY B 123 3.36 -6.27 5.05
C GLY B 123 3.99 -7.65 4.87
N SER B 124 5.04 -7.78 4.06
CA SER B 124 5.64 -9.08 3.84
C SER B 124 6.39 -9.46 5.12
N LYS B 125 6.24 -10.71 5.54
CA LYS B 125 6.93 -11.23 6.72
C LYS B 125 8.16 -12.04 6.36
N HIS B 126 7.99 -12.97 5.43
CA HIS B 126 9.09 -13.92 5.13
C HIS B 126 9.94 -13.28 4.06
N VAL B 127 10.91 -12.48 4.48
CA VAL B 127 11.73 -11.71 3.59
C VAL B 127 13.21 -11.94 3.88
N TYR B 128 13.97 -12.20 2.83
CA TYR B 128 15.42 -12.30 2.88
C TYR B 128 15.98 -11.11 2.14
N GLU B 129 16.58 -10.19 2.89
CA GLU B 129 17.22 -9.02 2.30
C GLU B 129 18.68 -9.34 2.01
N ILE B 130 18.95 -9.79 0.80
CA ILE B 130 20.28 -10.34 0.48
C ILE B 130 21.34 -9.25 0.36
N HIS B 131 20.93 -7.99 0.25
CA HIS B 131 21.89 -6.88 0.17
C HIS B 131 21.89 -6.03 1.44
N GLY B 132 21.20 -6.51 2.46
CA GLY B 132 21.06 -5.79 3.71
C GLY B 132 19.89 -4.85 3.72
N SER B 133 20.00 -3.83 4.58
CA SER B 133 18.94 -2.86 4.73
C SER B 133 19.48 -1.50 5.07
N LEU B 134 18.88 -0.47 4.47
CA LEU B 134 19.19 0.94 4.81
C LEU B 134 18.90 1.25 6.28
N PHE B 135 18.04 0.44 6.87
CA PHE B 135 17.54 0.64 8.23
C PHE B 135 18.03 -0.41 9.20
N LYS B 136 19.24 -0.88 8.94
CA LYS B 136 20.01 -1.60 9.94
C LYS B 136 21.43 -1.07 9.97
N THR B 137 22.03 -1.14 11.15
CA THR B 137 23.45 -0.80 11.31
C THR B 137 24.25 -2.06 11.67
N ARG B 138 25.55 -2.02 11.40
CA ARG B 138 26.47 -3.04 11.89
C ARG B 138 27.63 -2.34 12.59
N CYS B 139 28.01 -2.80 13.77
CA CYS B 139 29.13 -2.20 14.47
C CYS B 139 30.46 -2.69 13.91
N MET B 140 31.29 -1.74 13.54
CA MET B 140 32.61 -2.02 12.97
C MET B 140 33.60 -2.61 14.01
N SER B 141 33.25 -2.47 15.28
CA SER B 141 34.01 -3.04 16.42
C SER B 141 33.54 -4.43 16.88
N CYS B 142 32.30 -4.57 17.35
CA CYS B 142 31.81 -5.83 17.93
C CYS B 142 30.96 -6.63 16.96
N GLY B 143 30.62 -6.06 15.79
CA GLY B 143 29.86 -6.79 14.77
C GLY B 143 28.35 -6.88 14.94
N GLU B 144 27.82 -6.27 15.99
CA GLU B 144 26.39 -6.42 16.28
C GLU B 144 25.55 -5.69 15.24
N VAL B 145 24.46 -6.34 14.82
CA VAL B 145 23.54 -5.78 13.85
C VAL B 145 22.30 -5.34 14.60
N LYS B 146 21.81 -4.13 14.32
CA LYS B 146 20.63 -3.59 14.98
C LYS B 146 19.74 -2.90 13.97
N ALA B 147 18.43 -3.10 14.09
CA ALA B 147 17.49 -2.32 13.30
C ALA B 147 17.51 -0.87 13.76
N ASN B 148 17.40 0.05 12.82
CA ASN B 148 17.42 1.46 13.17
C ASN B 148 16.68 2.32 12.15
N HIS B 149 15.56 2.91 12.58
CA HIS B 149 14.74 3.76 11.74
C HIS B 149 14.72 5.18 12.25
N LYS B 150 15.65 5.50 13.12
CA LYS B 150 15.67 6.80 13.77
C LYS B 150 15.87 7.94 12.78
N SER B 151 15.08 9.02 12.87
CA SER B 151 15.22 10.18 11.98
C SER B 151 15.49 11.41 12.85
N PRO B 152 16.69 12.00 12.84
CA PRO B 152 17.88 11.55 12.14
C PRO B 152 18.66 10.51 12.97
N ILE B 153 19.42 9.67 12.30
CA ILE B 153 20.11 8.57 13.00
C ILE B 153 20.98 9.01 14.20
N CYS B 154 21.64 10.15 14.08
CA CYS B 154 22.30 10.77 15.22
C CYS B 154 22.18 12.27 15.05
N PRO B 155 22.30 13.00 16.17
CA PRO B 155 22.13 14.44 16.11
C PRO B 155 23.07 15.16 15.15
N ALA B 156 24.31 14.70 15.01
CA ALA B 156 25.27 15.37 14.14
C ALA B 156 24.85 15.35 12.66
N LEU B 157 24.04 14.35 12.30
CA LEU B 157 23.57 14.22 10.92
C LEU B 157 22.26 14.98 10.65
N ASP B 158 21.71 15.63 11.67
CA ASP B 158 20.39 16.22 11.54
C ASP B 158 20.37 17.30 10.47
N GLY B 159 19.49 17.16 9.48
CA GLY B 159 19.42 18.15 8.41
C GLY B 159 20.54 18.11 7.36
N LYS B 160 21.41 17.10 7.46
CA LYS B 160 22.55 16.97 6.53
C LYS B 160 22.20 16.02 5.36
N GLY B 161 23.19 15.82 4.47
CA GLY B 161 23.04 14.96 3.30
C GLY B 161 22.43 15.59 2.05
N ALA B 162 22.35 16.90 1.97
CA ALA B 162 21.70 17.54 0.82
C ALA B 162 22.37 17.10 -0.47
N PRO B 163 21.56 16.81 -1.51
CA PRO B 163 22.06 16.16 -2.73
C PRO B 163 22.54 17.11 -3.81
N ASP B 164 22.28 18.40 -3.69
CA ASP B 164 22.76 19.34 -4.71
C ASP B 164 24.32 19.46 -4.67
N PRO B 165 24.93 19.44 -5.86
CA PRO B 165 26.38 19.26 -5.90
C PRO B 165 27.21 20.28 -5.15
N ASN B 166 26.72 21.51 -4.92
CA ASN B 166 27.49 22.56 -4.24
C ASN B 166 27.20 22.64 -2.74
N THR B 167 26.52 21.63 -2.19
CA THR B 167 26.41 21.50 -0.77
C THR B 167 27.79 21.27 -0.17
N LYS B 168 28.08 21.99 0.91
CA LYS B 168 29.30 21.77 1.68
C LYS B 168 29.30 20.47 2.47
N GLU B 169 30.45 19.84 2.58
CA GLU B 169 30.55 18.63 3.36
C GLU B 169 30.38 18.92 4.84
N ALA B 170 29.69 18.03 5.56
CA ALA B 170 29.45 18.17 7.00
C ALA B 170 30.76 17.99 7.77
N ARG B 171 31.64 17.11 7.26
CA ARG B 171 32.93 16.80 7.90
C ARG B 171 32.80 16.49 9.40
N ILE B 172 31.89 15.57 9.68
CA ILE B 172 31.51 15.24 11.06
C ILE B 172 32.59 14.37 11.68
N PRO B 173 33.11 14.74 12.86
CA PRO B 173 34.14 13.94 13.48
C PRO B 173 33.63 12.54 13.71
N VAL B 174 34.49 11.55 13.55
CA VAL B 174 34.06 10.17 13.64
C VAL B 174 33.37 9.83 14.97
N GLU B 175 33.78 10.51 16.04
CA GLU B 175 33.21 10.27 17.34
C GLU B 175 31.75 10.62 17.39
N LEU B 176 31.30 11.49 16.48
CA LEU B 176 29.92 11.98 16.47
C LEU B 176 29.03 11.33 15.43
N LEU B 177 29.61 10.43 14.64
CA LEU B 177 28.81 9.62 13.72
C LEU B 177 28.11 8.53 14.55
N PRO B 178 27.20 7.75 13.94
CA PRO B 178 26.44 6.80 14.74
C PRO B 178 27.36 5.81 15.41
N ARG B 179 27.15 5.64 16.71
CA ARG B 179 27.98 4.77 17.53
C ARG B 179 27.22 3.62 18.17
N CYS B 180 27.98 2.58 18.49
CA CYS B 180 27.47 1.41 19.21
C CYS B 180 27.12 1.75 20.67
N GLU B 181 25.97 1.26 21.11
CA GLU B 181 25.36 1.74 22.33
C GLU B 181 25.55 0.79 23.49
N ARG B 182 26.25 -0.32 23.28
CA ARG B 182 26.64 -1.21 24.38
C ARG B 182 27.91 -0.62 25.05
N LYS B 183 27.85 -0.25 26.35
CA LYS B 183 28.85 0.68 26.95
C LYS B 183 30.26 0.13 26.77
N SER B 184 30.39 -1.20 26.84
CA SER B 184 31.69 -1.84 26.68
C SER B 184 32.38 -1.56 25.30
N CYS B 185 31.59 -1.26 24.27
CA CYS B 185 32.12 -1.16 22.94
C CYS B 185 32.29 0.27 22.46
N ASN B 186 31.17 0.95 22.23
CA ASN B 186 31.14 2.30 21.60
C ASN B 186 31.66 2.47 20.12
N GLY B 187 31.75 1.36 19.40
CA GLY B 187 32.32 1.36 18.05
C GLY B 187 31.59 2.19 17.01
N LEU B 188 32.29 2.57 15.95
CA LEU B 188 31.63 3.26 14.83
C LEU B 188 30.67 2.32 14.09
N LEU B 189 29.43 2.75 13.90
CA LEU B 189 28.48 1.95 13.12
C LEU B 189 28.62 2.24 11.65
N ARG B 190 28.36 1.21 10.84
CA ARG B 190 28.21 1.38 9.39
C ARG B 190 26.85 0.91 8.96
N PRO B 191 26.37 1.31 7.76
CA PRO B 191 25.11 0.68 7.28
C PRO B 191 25.29 -0.82 7.11
N HIS B 192 24.28 -1.62 7.49
CA HIS B 192 24.34 -3.07 7.29
C HIS B 192 23.83 -3.36 5.90
N VAL B 193 24.60 -2.92 4.91
CA VAL B 193 24.30 -3.12 3.49
C VAL B 193 25.52 -3.74 2.86
N VAL B 194 25.27 -4.59 1.87
CA VAL B 194 26.39 -5.14 1.08
C VAL B 194 26.87 -4.10 0.11
N TRP B 195 28.17 -3.80 0.20
CA TRP B 195 28.78 -2.84 -0.71
C TRP B 195 29.49 -3.53 -1.89
N PHE B 196 29.81 -2.69 -2.89
CA PHE B 196 30.53 -3.14 -4.09
C PHE B 196 31.87 -3.70 -3.63
N GLY B 197 32.16 -4.91 -4.10
CA GLY B 197 33.33 -5.65 -3.65
C GLY B 197 33.14 -6.55 -2.43
N GLU B 198 31.92 -6.64 -1.88
CA GLU B 198 31.73 -7.44 -0.65
C GLU B 198 30.89 -8.70 -0.93
N THR B 199 31.11 -9.74 -0.14
CA THR B 199 30.44 -11.02 -0.34
C THR B 199 29.13 -11.03 0.42
N LEU B 200 28.16 -11.68 -0.18
CA LEU B 200 26.87 -11.88 0.45
C LEU B 200 27.02 -12.77 1.66
N ASP B 201 26.09 -12.65 2.61
CA ASP B 201 26.23 -13.36 3.90
C ASP B 201 26.06 -14.85 3.64
N SER B 202 27.00 -15.69 4.06
CA SER B 202 26.84 -17.13 3.89
C SER B 202 25.62 -17.77 4.56
N ASP B 203 25.25 -17.30 5.76
CA ASP B 203 24.10 -17.80 6.52
C ASP B 203 22.84 -17.50 5.72
N ILE B 204 22.80 -16.30 5.16
CA ILE B 204 21.59 -15.91 4.43
C ILE B 204 21.45 -16.78 3.18
N LEU B 205 22.58 -16.96 2.48
CA LEU B 205 22.58 -17.81 1.30
C LEU B 205 22.21 -19.23 1.59
N THR B 206 22.64 -19.77 2.72
CA THR B 206 22.20 -21.12 3.05
C THR B 206 20.69 -21.21 3.28
N ALA B 207 20.11 -20.17 3.91
CA ALA B 207 18.65 -20.15 4.09
C ALA B 207 17.91 -20.04 2.77
N VAL B 208 18.43 -19.16 1.92
CA VAL B 208 17.86 -18.99 0.60
C VAL B 208 17.95 -20.33 -0.13
N GLU B 209 19.06 -21.05 -0.05
CA GLU B 209 19.17 -22.31 -0.81
C GLU B 209 18.12 -23.31 -0.34
N ARG B 210 17.91 -23.37 0.96
CA ARG B 210 16.86 -24.25 1.52
C ARG B 210 15.46 -23.90 0.97
N GLU B 211 15.13 -22.61 0.95
CA GLU B 211 13.83 -22.20 0.44
C GLU B 211 13.73 -22.55 -1.07
N LEU B 212 14.76 -22.25 -1.84
CA LEU B 212 14.71 -22.49 -3.27
C LEU B 212 14.58 -23.97 -3.55
N GLU B 213 15.23 -24.79 -2.76
CA GLU B 213 15.21 -26.24 -2.94
C GLU B 213 13.86 -26.85 -2.65
N LYS B 214 13.09 -26.20 -1.77
CA LYS B 214 11.75 -26.69 -1.42
C LYS B 214 10.61 -26.09 -2.31
N CYS B 215 10.88 -24.95 -2.89
CA CYS B 215 9.85 -24.29 -3.64
C CYS B 215 9.38 -25.04 -4.89
N ASP B 216 8.13 -24.81 -5.32
CA ASP B 216 7.60 -25.46 -6.52
C ASP B 216 7.06 -24.45 -7.50
N LEU B 217 7.45 -23.18 -7.33
CA LEU B 217 7.16 -22.16 -8.33
C LEU B 217 7.96 -20.93 -7.95
N CYS B 218 8.52 -20.26 -8.94
CA CYS B 218 9.38 -19.14 -8.62
C CYS B 218 9.06 -17.94 -9.54
N LEU B 219 8.99 -16.74 -8.95
CA LEU B 219 8.69 -15.51 -9.70
C LEU B 219 9.88 -14.62 -9.58
N VAL B 220 10.17 -13.87 -10.63
CA VAL B 220 11.30 -12.99 -10.66
C VAL B 220 10.77 -11.64 -11.09
N VAL B 221 10.74 -10.70 -10.15
CA VAL B 221 10.00 -9.45 -10.32
C VAL B 221 10.88 -8.20 -10.31
N GLY B 222 10.78 -7.37 -11.34
CA GLY B 222 11.63 -6.14 -11.39
C GLY B 222 13.14 -6.46 -11.41
N THR B 223 13.49 -7.57 -12.02
CA THR B 223 14.80 -7.80 -12.55
C THR B 223 14.64 -8.93 -13.59
N SER B 224 15.75 -9.58 -13.91
CA SER B 224 15.77 -10.67 -14.90
C SER B 224 16.43 -11.95 -14.41
N SER B 225 15.90 -13.07 -14.90
CA SER B 225 16.47 -14.38 -14.59
C SER B 225 17.92 -14.49 -14.98
N ILE B 226 18.38 -13.72 -16.00
CA ILE B 226 19.68 -13.94 -16.64
C ILE B 226 20.78 -12.93 -16.25
N VAL B 227 20.36 -11.82 -15.62
CA VAL B 227 21.28 -10.90 -14.98
C VAL B 227 21.39 -11.35 -13.53
N TYR B 228 22.41 -10.82 -12.87
CA TYR B 228 22.72 -11.07 -11.45
C TYR B 228 22.05 -10.00 -10.59
N PRO B 229 21.67 -10.32 -9.35
CA PRO B 229 21.87 -11.61 -8.67
C PRO B 229 20.83 -12.67 -9.02
N ALA B 230 19.79 -12.28 -9.76
CA ALA B 230 18.71 -13.26 -10.01
C ALA B 230 19.25 -14.56 -10.66
N ALA B 231 20.26 -14.44 -11.52
CA ALA B 231 20.86 -15.58 -12.21
C ALA B 231 21.36 -16.65 -11.28
N MET B 232 21.62 -16.31 -10.02
CA MET B 232 22.08 -17.32 -9.03
C MET B 232 21.01 -18.31 -8.60
N PHE B 233 19.87 -17.68 -8.43
CA PHE B 233 18.77 -18.46 -7.90
C PHE B 233 17.95 -19.09 -9.02
N ALA B 234 17.46 -18.27 -9.93
CA ALA B 234 16.32 -18.67 -10.72
C ALA B 234 16.67 -19.76 -11.69
N PRO B 235 17.84 -19.68 -12.36
CA PRO B 235 18.27 -20.79 -13.19
C PRO B 235 18.36 -22.12 -12.46
N GLN B 236 18.80 -22.11 -11.20
CA GLN B 236 18.86 -23.39 -10.44
C GLN B 236 17.49 -23.97 -10.29
N VAL B 237 16.51 -23.11 -10.02
CA VAL B 237 15.16 -23.63 -9.84
C VAL B 237 14.58 -24.12 -11.19
N ALA B 238 14.76 -23.36 -12.26
CA ALA B 238 14.27 -23.74 -13.57
C ALA B 238 14.86 -25.05 -14.02
N SER B 239 16.14 -25.27 -13.74
CA SER B 239 16.81 -26.49 -14.18
C SER B 239 16.36 -27.74 -13.41
N ARG B 240 15.64 -27.57 -12.29
CA ARG B 240 14.98 -28.70 -11.58
C ARG B 240 13.62 -28.99 -12.20
N GLY B 241 13.25 -28.21 -13.21
CA GLY B 241 11.99 -28.33 -13.92
C GLY B 241 10.85 -27.57 -13.27
N VAL B 242 11.16 -26.59 -12.44
CA VAL B 242 10.14 -25.79 -11.77
C VAL B 242 9.83 -24.57 -12.65
N PRO B 243 8.54 -24.22 -12.80
CA PRO B 243 8.30 -23.05 -13.63
C PRO B 243 8.80 -21.77 -12.98
N VAL B 244 9.37 -20.92 -13.83
CA VAL B 244 9.83 -19.59 -13.43
C VAL B 244 9.11 -18.54 -14.27
N ALA B 245 8.61 -17.51 -13.59
CA ALA B 245 7.82 -16.48 -14.25
C ALA B 245 8.43 -15.12 -14.01
N GLU B 246 8.79 -14.42 -15.06
CA GLU B 246 9.39 -13.10 -14.93
C GLU B 246 8.32 -12.01 -15.07
N PHE B 247 8.34 -11.03 -14.16
CA PHE B 247 7.54 -9.80 -14.34
C PHE B 247 8.47 -8.64 -14.43
N ASN B 248 8.65 -8.06 -15.61
CA ASN B 248 9.57 -6.93 -15.74
C ASN B 248 9.24 -6.17 -17.00
N MET B 249 9.66 -4.93 -17.00
CA MET B 249 9.35 -4.07 -18.11
C MET B 249 10.73 -3.93 -18.62
N GLU B 250 11.30 -5.05 -19.09
CA GLU B 250 12.62 -4.94 -19.81
C GLU B 250 12.64 -5.60 -21.18
N CYS B 251 12.44 -4.78 -22.22
CA CYS B 251 12.33 -5.33 -23.58
C CYS B 251 13.46 -6.31 -23.97
N THR B 252 13.18 -7.60 -23.81
CA THR B 252 14.17 -8.66 -23.97
C THR B 252 14.18 -9.30 -25.39
N PHE B 258 12.71 -16.68 -19.55
CA PHE B 258 12.49 -18.06 -19.10
C PHE B 258 11.05 -18.56 -19.40
N LYS B 259 10.41 -19.32 -18.51
CA LYS B 259 9.28 -20.14 -18.90
C LYS B 259 7.99 -19.32 -19.10
N TYR B 260 7.79 -18.32 -18.25
CA TYR B 260 6.77 -17.28 -18.52
C TYR B 260 7.37 -15.89 -18.36
N HIS B 261 6.88 -14.95 -19.16
CA HIS B 261 7.30 -13.57 -19.11
C HIS B 261 6.09 -12.72 -19.30
N PHE B 262 5.85 -11.84 -18.31
CA PHE B 262 4.79 -10.85 -18.37
C PHE B 262 5.44 -9.48 -18.42
N GLU B 263 5.43 -8.91 -19.64
CA GLU B 263 6.13 -7.65 -19.90
C GLU B 263 5.27 -6.47 -19.50
N GLY B 264 5.87 -5.61 -18.69
CA GLY B 264 5.21 -4.37 -18.25
C GLY B 264 5.53 -4.05 -16.81
N PRO B 265 5.05 -2.90 -16.32
CA PRO B 265 5.32 -2.55 -14.93
C PRO B 265 4.68 -3.55 -13.99
N CYS B 266 5.45 -4.06 -13.03
CA CYS B 266 4.94 -5.12 -12.18
C CYS B 266 3.82 -4.65 -11.26
N GLY B 267 3.70 -3.34 -11.04
CA GLY B 267 2.57 -2.82 -10.28
C GLY B 267 1.25 -2.93 -11.05
N SER B 268 1.32 -3.14 -12.37
CA SER B 268 0.13 -3.49 -13.16
C SER B 268 -0.06 -4.99 -13.28
N THR B 269 1.01 -5.72 -13.59
CA THR B 269 0.86 -7.12 -13.96
C THR B 269 0.64 -8.05 -12.72
N LEU B 270 1.36 -7.69 -11.66
CA LEU B 270 1.45 -8.63 -10.57
C LEU B 270 0.15 -8.74 -9.76
N PRO B 271 -0.54 -7.61 -9.48
CA PRO B 271 -1.77 -7.80 -8.72
C PRO B 271 -2.75 -8.70 -9.49
N PRO B 272 -2.80 -8.56 -10.84
CA PRO B 272 -3.68 -9.46 -11.62
C PRO B 272 -3.23 -10.89 -11.56
N ALA B 273 -1.94 -11.13 -11.74
CA ALA B 273 -1.45 -12.53 -11.71
C ALA B 273 -1.61 -13.23 -10.35
N LEU B 274 -1.47 -12.48 -9.26
CA LEU B 274 -1.46 -13.05 -7.92
C LEU B 274 -2.79 -13.00 -7.19
N GLU B 275 -3.86 -12.49 -7.83
CA GLU B 275 -5.18 -12.34 -7.17
C GLU B 275 -5.82 -13.68 -6.76
C BEZ C 1 -33.50 10.06 11.34
O1 BEZ C 1 -33.15 9.02 11.90
C1 BEZ C 1 -34.72 10.65 11.69
C2 BEZ C 1 -35.57 11.19 10.72
C3 BEZ C 1 -36.76 11.78 11.09
C4 BEZ C 1 -37.09 11.81 12.44
C5 BEZ C 1 -36.25 11.28 13.41
C6 BEZ C 1 -35.06 10.69 13.03
N GLY C 2 -32.74 10.71 10.42
CA GLY C 2 -31.39 10.23 10.02
C GLY C 2 -31.09 10.85 8.69
N VAL C 3 -29.80 10.94 8.41
CA VAL C 3 -29.33 11.67 7.26
C VAL C 3 -29.43 10.75 6.04
N LEU C 4 -30.19 11.15 5.04
CA LEU C 4 -30.20 10.41 3.79
C LEU C 4 -28.85 10.62 3.13
N LYS C 5 -28.30 9.59 2.49
CA LYS C 5 -27.03 9.73 1.77
C LYS C 5 -27.32 10.51 0.46
N GLU C 6 -26.38 11.40 0.11
CA GLU C 6 -26.52 12.41 -0.93
C GLU C 6 -27.50 13.51 -0.51
N TYR C 7 -28.09 13.34 0.68
CA TYR C 7 -29.31 14.03 1.10
C TYR C 7 -30.58 13.49 0.38
N GLY C 8 -30.47 12.31 -0.23
CA GLY C 8 -31.54 11.72 -1.03
C GLY C 8 -31.62 12.33 -2.40
N VAL C 9 -30.57 13.05 -2.79
CA VAL C 9 -30.60 13.95 -3.95
C VAL C 9 -30.82 13.20 -5.27
ZN ZN D . -29.50 -13.83 10.82
ZN ZN E . 29.81 -2.57 19.09
N1 EPE F . 25.41 -3.00 -4.63
C2 EPE F . 25.09 -3.95 -5.71
C3 EPE F . 24.87 -5.38 -5.19
N4 EPE F . 25.89 -5.89 -4.26
C5 EPE F . 26.87 -4.84 -3.93
C6 EPE F . 26.02 -3.66 -3.47
C7 EPE F . 26.41 -7.23 -4.63
C8 EPE F . 27.91 -7.32 -4.95
O8 EPE F . 28.60 -8.10 -3.96
C9 EPE F . 24.27 -2.15 -4.23
C10 EPE F . 24.84 -0.91 -3.51
S EPE F . 24.08 0.55 -3.87
O1S EPE F . 24.62 1.18 -5.10
O2S EPE F . 24.24 1.43 -2.66
O3S EPE F . 22.63 0.28 -4.05
S DMS G . 0.23 -2.79 6.28
O DMS G . -1.04 -3.57 6.21
C1 DMS G . 0.76 -2.58 4.67
C2 DMS G . 1.55 -3.68 6.93
NA NA H . 25.65 -13.75 9.76
C1 EDO I . 18.82 -0.55 -4.48
O1 EDO I . 19.52 -1.79 -4.64
C2 EDO I . 17.32 -0.76 -4.63
O2 EDO I . 16.71 -0.71 -3.33
O1 0L1 J . -23.05 0.72 -3.49
C2 0L1 J . -22.70 1.81 -4.00
O2 0L1 J . -22.47 2.03 -5.20
C3 0L1 J . -22.39 2.92 -3.09
C4 0L1 J . -23.43 2.92 -1.99
C5 0L1 J . -22.58 3.17 -0.77
C6 0L1 J . -21.74 4.43 -0.98
C7 0L1 J . -22.65 5.66 -1.10
O4 0L1 J . -22.40 6.49 -1.95
#